data_4Q5T
#
_entry.id   4Q5T
#
_cell.length_a   58.021
_cell.length_b   106.053
_cell.length_c   95.220
_cell.angle_alpha   90.000
_cell.angle_beta   90.000
_cell.angle_gamma   90.000
#
_symmetry.space_group_name_H-M   'C 2 2 21'
#
loop_
_entity.id
_entity.type
_entity.pdbx_description
1 polymer Lipoprotein
2 non-polymer SELENOMETHIONINE
3 non-polymer 'NONAETHYLENE GLYCOL'
4 water water
#
_entity_poly.entity_id   1
_entity_poly.type   'polypeptide(L)'
_entity_poly.pdbx_seq_one_letter_code
;GQKNDKNTLTVGV(MSE)T(MSE)TDSDKERWDKIEELLKKENIKLKFKEFTDYSQPNKALKNGEIDINSFQHYNFLNNW
NKENKGDLVTVAETYISPINLFSGTENGKAKYSSAKEIPNGGQIAIPNDATNESRALYVLQDAGLIKLNVSGDELATVKN
IKSNPKNLDIKEVDASQTARNLASVDAAVVNNSYAVPAKIDFKTSLYKEKVNEGSKQWINIIAAQKNWKKSKKAAAIKKL
IKAYHTDAVKKVIKKTAKGVDEPVW
;
_entity_poly.pdbx_strand_id   A
#
loop_
_chem_comp.id
_chem_comp.type
_chem_comp.name
_chem_comp.formula
2PE non-polymer 'NONAETHYLENE GLYCOL' 'C18 H38 O10'
#
# COMPACT_ATOMS: atom_id res chain seq x y z
N GLY A 1 -27.56 -13.15 11.61
CA GLY A 1 -26.16 -13.61 11.49
C GLY A 1 -25.21 -12.43 11.46
N GLN A 2 -23.91 -12.71 11.28
CA GLN A 2 -22.87 -11.68 11.36
C GLN A 2 -23.04 -10.46 10.46
N LYS A 3 -23.48 -10.64 9.22
CA LYS A 3 -23.62 -9.51 8.29
C LYS A 3 -24.64 -8.49 8.82
N ASN A 4 -25.63 -8.96 9.59
CA ASN A 4 -26.69 -8.11 10.12
C ASN A 4 -26.62 -7.84 11.64
N ASP A 5 -25.44 -8.11 12.18
CA ASP A 5 -25.05 -7.79 13.55
C ASP A 5 -24.43 -6.38 13.60
N LYS A 6 -25.11 -5.48 14.30
CA LYS A 6 -24.64 -4.11 14.45
C LYS A 6 -23.36 -3.94 15.29
N ASN A 7 -22.94 -4.97 16.02
CA ASN A 7 -21.82 -4.85 16.95
C ASN A 7 -20.57 -5.64 16.53
N THR A 8 -20.58 -6.13 15.29
CA THR A 8 -19.42 -6.80 14.72
C THR A 8 -19.02 -6.15 13.39
N LEU A 9 -17.72 -5.95 13.22
CA LEU A 9 -17.20 -5.48 11.95
C LEU A 9 -16.18 -6.46 11.43
N THR A 10 -16.31 -6.81 10.17
CA THR A 10 -15.33 -7.66 9.54
C THR A 10 -14.47 -6.76 8.68
N VAL A 11 -13.18 -6.77 8.98
CA VAL A 11 -12.22 -5.87 8.37
C VAL A 11 -11.28 -6.66 7.46
N GLY A 12 -11.18 -6.24 6.20
CA GLY A 12 -10.21 -6.80 5.26
C GLY A 12 -8.85 -6.07 5.29
N VAL A 13 -7.79 -6.84 5.44
CA VAL A 13 -6.43 -6.30 5.53
C VAL A 13 -5.51 -7.21 4.74
N MSE A 14 -4.30 -6.73 4.45
CA MSE A 14 -3.28 -7.64 3.97
C MSE A 14 -2.79 -8.47 5.13
O MSE A 14 -3.03 -8.15 6.30
CB MSE A 14 -2.12 -6.87 3.34
CG MSE A 14 -2.55 -5.92 2.22
SE MSE A 14 -3.66 -6.75 0.84
CE MSE A 14 -2.32 -7.80 -0.10
N THR A 15 -2.09 -9.56 4.79
CA THR A 15 -1.36 -10.37 5.76
C THR A 15 -0.66 -9.45 6.73
N MSE A 16 -0.93 -9.65 8.01
CA MSE A 16 -0.56 -8.69 9.04
C MSE A 16 0.90 -8.78 9.42
O MSE A 16 1.37 -9.84 9.81
CB MSE A 16 -1.38 -8.92 10.30
CG MSE A 16 -2.88 -8.66 10.14
SE MSE A 16 -3.62 -8.21 11.92
CE MSE A 16 -5.47 -7.90 11.42
N THR A 17 1.58 -7.64 9.37
CA THR A 17 2.91 -7.54 9.98
C THR A 17 2.74 -7.41 11.48
N ASP A 18 3.84 -7.44 12.22
CA ASP A 18 3.76 -7.27 13.67
C ASP A 18 3.21 -5.90 14.01
N SER A 19 3.65 -4.89 13.27
CA SER A 19 3.12 -3.55 13.48
C SER A 19 1.61 -3.49 13.21
N ASP A 20 1.15 -4.27 12.22
CA ASP A 20 -0.32 -4.29 11.90
C ASP A 20 -1.09 -4.91 13.08
N LYS A 21 -0.57 -6.01 13.58
CA LYS A 21 -1.17 -6.67 14.73
C LYS A 21 -1.26 -5.72 15.91
N GLU A 22 -0.17 -5.03 16.21
CA GLU A 22 -0.16 -4.17 17.38
C GLU A 22 -1.14 -3.00 17.24
N ARG A 23 -1.20 -2.38 16.07
CA ARG A 23 -2.15 -1.28 15.90
C ARG A 23 -3.63 -1.76 15.98
N TRP A 24 -3.93 -2.92 15.36
CA TRP A 24 -5.29 -3.41 15.41
C TRP A 24 -5.66 -3.93 16.79
N ASP A 25 -4.68 -4.45 17.51
CA ASP A 25 -4.82 -4.73 18.94
C ASP A 25 -5.31 -3.52 19.73
N LYS A 26 -4.63 -2.40 19.56
CA LYS A 26 -5.01 -1.21 20.30
C LYS A 26 -6.42 -0.73 19.87
N ILE A 27 -6.69 -0.72 18.56
CA ILE A 27 -8.03 -0.39 18.09
C ILE A 27 -9.11 -1.29 18.72
N GLU A 28 -8.86 -2.59 18.72
CA GLU A 28 -9.77 -3.53 19.33
C GLU A 28 -9.96 -3.17 20.79
N GLU A 29 -8.84 -2.97 21.48
CA GLU A 29 -8.92 -2.69 22.90
C GLU A 29 -9.79 -1.47 23.11
N LEU A 30 -9.63 -0.44 22.30
CA LEU A 30 -10.42 0.77 22.47
C LEU A 30 -11.89 0.54 22.15
N LEU A 31 -12.17 -0.46 21.31
CA LEU A 31 -13.54 -0.68 20.85
C LEU A 31 -14.35 -1.57 21.81
N LYS A 32 -13.68 -2.28 22.71
CA LYS A 32 -14.39 -3.00 23.77
C LYS A 32 -15.33 -2.04 24.53
N LYS A 33 -14.85 -0.84 24.82
CA LYS A 33 -15.63 0.18 25.52
C LYS A 33 -16.96 0.49 24.81
N GLU A 34 -17.00 0.23 23.51
CA GLU A 34 -18.17 0.50 22.70
C GLU A 34 -18.90 -0.79 22.40
N ASN A 35 -18.44 -1.88 23.00
CA ASN A 35 -19.05 -3.18 22.76
C ASN A 35 -19.03 -3.60 21.27
N ILE A 36 -17.99 -3.20 20.54
CA ILE A 36 -17.80 -3.63 19.14
C ILE A 36 -16.73 -4.72 19.09
N LYS A 37 -17.01 -5.79 18.35
CA LYS A 37 -16.09 -6.89 18.13
C LYS A 37 -15.50 -6.76 16.72
N LEU A 38 -14.19 -6.95 16.57
CA LEU A 38 -13.58 -6.94 15.23
C LEU A 38 -13.19 -8.33 14.79
N LYS A 39 -13.38 -8.58 13.51
CA LYS A 39 -12.95 -9.81 12.86
C LYS A 39 -12.14 -9.41 11.65
N PHE A 40 -11.05 -10.12 11.38
CA PHE A 40 -10.18 -9.81 10.25
C PHE A 40 -10.15 -10.92 9.22
N LYS A 41 -10.23 -10.53 7.96
CA LYS A 41 -9.89 -11.41 6.87
C LYS A 41 -8.60 -10.92 6.26
N GLU A 42 -7.55 -11.75 6.26
CA GLU A 42 -6.27 -11.35 5.64
C GLU A 42 -6.18 -11.75 4.17
N PHE A 43 -5.78 -10.81 3.32
CA PHE A 43 -5.56 -11.10 1.91
C PHE A 43 -4.08 -11.11 1.56
N THR A 44 -3.74 -11.79 0.47
CA THR A 44 -2.33 -11.94 0.06
C THR A 44 -2.06 -11.18 -1.21
N ASP A 45 -3.10 -10.65 -1.83
CA ASP A 45 -2.95 -10.02 -3.12
C ASP A 45 -3.83 -8.75 -3.19
N TYR A 46 -3.34 -7.68 -3.82
CA TYR A 46 -4.11 -6.42 -3.87
C TYR A 46 -5.42 -6.46 -4.68
N SER A 47 -5.62 -7.51 -5.47
CA SER A 47 -6.85 -7.56 -6.29
C SER A 47 -8.01 -8.12 -5.48
N GLN A 48 -7.74 -8.63 -4.29
CA GLN A 48 -8.75 -9.36 -3.53
C GLN A 48 -9.66 -8.53 -2.62
N PRO A 49 -9.11 -7.60 -1.81
CA PRO A 49 -10.01 -7.01 -0.81
C PRO A 49 -11.14 -6.16 -1.35
N ASN A 50 -10.99 -5.44 -2.45
CA ASN A 50 -12.12 -4.64 -2.92
C ASN A 50 -13.20 -5.51 -3.50
N LYS A 51 -12.81 -6.64 -4.09
CA LYS A 51 -13.79 -7.61 -4.56
C LYS A 51 -14.58 -8.19 -3.40
N ALA A 52 -13.86 -8.57 -2.35
CA ALA A 52 -14.48 -9.08 -1.14
C ALA A 52 -15.43 -8.07 -0.49
N LEU A 53 -15.06 -6.79 -0.54
CA LEU A 53 -15.91 -5.73 0.02
C LEU A 53 -17.19 -5.54 -0.83
N LYS A 54 -17.06 -5.55 -2.15
CA LYS A 54 -18.24 -5.44 -3.01
C LYS A 54 -19.17 -6.60 -2.83
N ASN A 55 -18.59 -7.77 -2.67
CA ASN A 55 -19.37 -8.97 -2.43
C ASN A 55 -19.93 -9.09 -1.03
N GLY A 56 -19.60 -8.12 -0.19
CA GLY A 56 -20.11 -8.07 1.17
C GLY A 56 -19.56 -9.15 2.10
N GLU A 57 -18.46 -9.77 1.70
CA GLU A 57 -17.73 -10.72 2.54
C GLU A 57 -17.03 -10.00 3.70
N ILE A 58 -16.75 -8.71 3.52
CA ILE A 58 -16.20 -7.89 4.58
C ILE A 58 -16.96 -6.57 4.59
N ASP A 59 -16.88 -5.86 5.71
CA ASP A 59 -17.64 -4.62 5.91
C ASP A 59 -16.83 -3.39 5.53
N ILE A 60 -15.52 -3.44 5.74
CA ILE A 60 -14.64 -2.38 5.32
C ILE A 60 -13.30 -3.02 4.99
N ASN A 61 -12.45 -2.30 4.29
CA ASN A 61 -11.07 -2.75 4.19
C ASN A 61 -10.10 -1.63 4.47
N SER A 62 -8.87 -2.02 4.81
CA SER A 62 -7.84 -1.08 5.18
C SER A 62 -6.53 -1.60 4.55
N PHE A 63 -6.26 -1.21 3.31
CA PHE A 63 -5.13 -1.80 2.58
C PHE A 63 -4.60 -0.97 1.42
N GLN A 64 -5.33 0.06 1.04
CA GLN A 64 -5.03 0.72 -0.24
C GLN A 64 -4.97 2.20 -0.07
N HIS A 65 -4.38 2.86 -1.08
CA HIS A 65 -4.42 4.32 -1.20
C HIS A 65 -5.51 4.80 -2.16
N TYR A 66 -5.80 6.09 -2.09
CA TYR A 66 -6.85 6.72 -2.88
C TYR A 66 -6.73 6.35 -4.32
N ASN A 67 -5.50 6.40 -4.86
CA ASN A 67 -5.30 6.13 -6.28
C ASN A 67 -5.75 4.72 -6.66
N PHE A 68 -5.29 3.74 -5.89
CA PHE A 68 -5.62 2.36 -6.14
C PHE A 68 -7.14 2.25 -6.13
N LEU A 69 -7.79 2.90 -5.16
CA LEU A 69 -9.25 2.84 -5.05
C LEU A 69 -9.93 3.37 -6.30
N ASN A 70 -9.61 4.61 -6.66
CA ASN A 70 -10.22 5.24 -7.81
C ASN A 70 -10.00 4.38 -9.03
N ASN A 71 -8.76 3.97 -9.25
CA ASN A 71 -8.45 3.10 -10.38
C ASN A 71 -9.21 1.77 -10.33
N TRP A 72 -9.34 1.18 -9.14
CA TRP A 72 -10.03 -0.10 -9.04
C TRP A 72 -11.49 0.11 -9.39
N ASN A 73 -12.07 1.21 -8.93
CA ASN A 73 -13.48 1.46 -9.24
C ASN A 73 -13.66 1.51 -10.74
N LYS A 74 -12.78 2.25 -11.41
CA LYS A 74 -12.84 2.42 -12.86
C LYS A 74 -12.74 1.09 -13.61
N GLU A 75 -11.72 0.29 -13.31
CA GLU A 75 -11.52 -0.95 -14.03
C GLU A 75 -12.71 -1.89 -13.85
N ASN A 76 -13.40 -1.75 -12.74
CA ASN A 76 -14.37 -2.74 -12.33
C ASN A 76 -15.82 -2.19 -12.33
N LYS A 77 -16.01 -0.95 -12.77
CA LYS A 77 -17.31 -0.27 -12.63
C LYS A 77 -17.80 -0.28 -11.19
N GLY A 78 -16.88 -0.07 -10.25
CA GLY A 78 -17.20 -0.15 -8.83
C GLY A 78 -17.63 1.18 -8.27
N ASP A 79 -18.26 1.13 -7.10
CA ASP A 79 -18.71 2.33 -6.40
C ASP A 79 -18.29 2.32 -4.92
N LEU A 80 -17.16 1.69 -4.62
CA LEU A 80 -16.65 1.69 -3.24
C LEU A 80 -16.26 3.09 -2.88
N VAL A 81 -16.39 3.46 -1.60
CA VAL A 81 -16.03 4.80 -1.14
C VAL A 81 -15.04 4.80 -0.01
N THR A 82 -14.32 5.91 0.09
CA THR A 82 -13.42 6.20 1.19
C THR A 82 -14.21 6.66 2.41
N VAL A 83 -13.91 6.11 3.59
CA VAL A 83 -14.58 6.56 4.81
CA VAL A 83 -14.54 6.46 4.86
C VAL A 83 -13.65 7.37 5.69
N ALA A 84 -12.33 7.15 5.59
CA ALA A 84 -11.34 7.88 6.37
C ALA A 84 -9.93 7.61 5.85
N GLU A 85 -9.01 8.49 6.23
CA GLU A 85 -7.57 8.32 5.95
C GLU A 85 -6.86 7.67 7.13
N THR A 86 -5.78 6.95 6.84
CA THR A 86 -5.00 6.25 7.87
C THR A 86 -3.55 6.76 7.86
N TYR A 87 -2.69 6.15 7.06
CA TYR A 87 -1.28 6.52 7.06
C TYR A 87 -0.80 6.60 5.61
N ILE A 88 0.34 7.24 5.44
CA ILE A 88 1.07 7.17 4.18
C ILE A 88 2.29 6.25 4.37
N SER A 89 2.68 5.56 3.31
CA SER A 89 3.72 4.53 3.37
C SER A 89 4.72 4.65 2.23
N PRO A 90 5.67 5.62 2.34
CA PRO A 90 6.62 5.95 1.27
C PRO A 90 7.36 4.73 0.82
N ILE A 91 7.37 4.52 -0.48
CA ILE A 91 7.83 3.28 -1.06
C ILE A 91 9.32 3.40 -1.39
N ASN A 92 9.99 2.27 -1.51
CA ASN A 92 11.42 2.22 -1.84
C ASN A 92 11.75 1.42 -3.12
N LEU A 93 12.79 1.87 -3.80
CA LEU A 93 13.56 1.09 -4.75
C LEU A 93 14.65 0.34 -3.96
N PHE A 94 14.55 -0.99 -3.95
CA PHE A 94 15.52 -1.85 -3.26
C PHE A 94 16.50 -2.50 -4.21
N SER A 95 17.75 -2.61 -3.75
CA SER A 95 18.76 -3.26 -4.54
C SER A 95 18.48 -4.73 -4.69
N GLY A 96 18.69 -5.26 -5.88
CA GLY A 96 18.77 -6.70 -6.06
C GLY A 96 19.87 -7.32 -5.20
N THR A 97 19.73 -8.61 -4.93
CA THR A 97 20.60 -9.30 -4.00
C THR A 97 21.22 -10.56 -4.62
N GLU A 98 22.33 -10.97 -4.03
CA GLU A 98 23.06 -12.17 -4.37
C GLU A 98 23.44 -12.85 -3.06
N ASN A 99 23.02 -14.10 -2.89
CA ASN A 99 23.13 -14.78 -1.61
C ASN A 99 22.68 -13.90 -0.44
N GLY A 100 21.58 -13.18 -0.63
CA GLY A 100 21.02 -12.36 0.43
C GLY A 100 21.57 -10.95 0.61
N LYS A 101 22.70 -10.64 -0.04
CA LYS A 101 23.34 -9.33 0.14
C LYS A 101 23.07 -8.42 -1.05
N ALA A 102 23.03 -7.11 -0.80
CA ALA A 102 22.79 -6.13 -1.86
C ALA A 102 23.91 -6.17 -2.86
N LYS A 103 23.56 -6.13 -4.15
CA LYS A 103 24.57 -6.01 -5.21
C LYS A 103 25.03 -4.56 -5.36
N TYR A 104 24.14 -3.62 -5.03
CA TYR A 104 24.38 -2.21 -5.34
C TYR A 104 24.17 -1.36 -4.08
N SER A 105 25.00 -0.32 -3.91
CA SER A 105 24.90 0.61 -2.77
C SER A 105 24.21 1.90 -3.16
N SER A 106 24.14 2.17 -4.47
CA SER A 106 23.40 3.32 -4.99
C SER A 106 22.85 3.03 -6.38
N ALA A 107 21.85 3.80 -6.78
CA ALA A 107 21.20 3.55 -8.09
C ALA A 107 22.18 3.66 -9.24
N LYS A 108 23.20 4.50 -9.13
CA LYS A 108 24.02 4.77 -10.27
C LYS A 108 24.87 3.55 -10.61
N GLU A 109 24.99 2.62 -9.67
CA GLU A 109 25.76 1.40 -9.90
C GLU A 109 24.97 0.36 -10.66
N ILE A 110 23.68 0.59 -10.86
CA ILE A 110 22.90 -0.37 -11.62
C ILE A 110 23.51 -0.48 -13.03
N PRO A 111 23.82 -1.71 -13.47
CA PRO A 111 24.54 -1.86 -14.75
C PRO A 111 23.71 -1.54 -15.96
N ASN A 112 24.36 -1.12 -17.04
CA ASN A 112 23.69 -1.02 -18.32
C ASN A 112 23.05 -2.35 -18.69
N GLY A 113 21.86 -2.29 -19.30
CA GLY A 113 21.13 -3.48 -19.67
C GLY A 113 20.60 -4.30 -18.51
N GLY A 114 20.61 -3.71 -17.31
CA GLY A 114 20.10 -4.43 -16.15
C GLY A 114 18.58 -4.42 -16.14
N GLN A 115 17.99 -4.97 -15.10
CA GLN A 115 16.54 -5.16 -15.09
C GLN A 115 15.99 -4.71 -13.74
N ILE A 116 14.84 -4.05 -13.79
CA ILE A 116 14.18 -3.56 -12.60
C ILE A 116 12.72 -4.01 -12.59
N ALA A 117 12.34 -4.74 -11.55
CA ALA A 117 10.95 -5.17 -11.35
C ALA A 117 10.09 -4.12 -10.63
N ILE A 118 8.87 -3.93 -11.13
CA ILE A 118 7.92 -3.01 -10.51
C ILE A 118 6.52 -3.60 -10.50
N PRO A 119 5.61 -3.03 -9.69
CA PRO A 119 4.20 -3.49 -9.73
C PRO A 119 3.55 -3.28 -11.08
N ASN A 120 2.53 -4.07 -11.37
CA ASN A 120 1.88 -4.04 -12.68
C ASN A 120 0.43 -3.59 -12.65
N ASP A 121 -0.08 -3.16 -11.48
CA ASP A 121 -1.37 -2.49 -11.39
C ASP A 121 -1.13 -1.03 -11.76
N ALA A 122 -2.07 -0.42 -12.47
CA ALA A 122 -1.89 0.94 -12.99
C ALA A 122 -1.21 1.90 -12.01
N THR A 123 -1.75 2.06 -10.80
CA THR A 123 -1.33 3.16 -9.93
C THR A 123 0.03 2.90 -9.28
N ASN A 124 0.29 1.68 -8.81
CA ASN A 124 1.61 1.39 -8.24
C ASN A 124 2.68 1.24 -9.31
N GLU A 125 2.26 0.83 -10.51
CA GLU A 125 3.18 0.73 -11.66
C GLU A 125 3.71 2.12 -11.91
N SER A 126 2.78 3.06 -12.04
CA SER A 126 3.09 4.47 -12.26
C SER A 126 3.91 5.06 -11.11
N ARG A 127 3.49 4.78 -9.87
CA ARG A 127 4.24 5.25 -8.71
C ARG A 127 5.73 4.88 -8.80
N ALA A 128 5.97 3.62 -9.17
CA ALA A 128 7.32 3.05 -9.27
C ALA A 128 8.12 3.72 -10.37
N LEU A 129 7.49 4.03 -11.50
CA LEU A 129 8.17 4.71 -12.60
C LEU A 129 8.54 6.11 -12.17
N TYR A 130 7.69 6.78 -11.41
CA TYR A 130 8.06 8.07 -10.84
C TYR A 130 9.27 8.00 -9.84
N VAL A 131 9.35 6.92 -9.06
CA VAL A 131 10.50 6.73 -8.17
C VAL A 131 11.80 6.52 -8.97
N LEU A 132 11.71 5.76 -10.08
CA LEU A 132 12.87 5.55 -10.96
C LEU A 132 13.37 6.88 -11.50
N GLN A 133 12.46 7.73 -11.93
CA GLN A 133 12.83 9.09 -12.36
C GLN A 133 13.49 9.88 -11.22
N ASP A 134 12.89 9.84 -10.04
CA ASP A 134 13.47 10.54 -8.90
C ASP A 134 14.83 9.97 -8.52
N ALA A 135 15.03 8.67 -8.70
CA ALA A 135 16.30 8.05 -8.37
C ALA A 135 17.34 8.37 -9.44
N GLY A 136 16.91 9.00 -10.53
CA GLY A 136 17.83 9.44 -11.57
C GLY A 136 18.07 8.42 -12.65
N LEU A 137 17.19 7.45 -12.80
CA LEU A 137 17.45 6.34 -13.72
C LEU A 137 16.79 6.55 -15.08
N ILE A 138 15.64 7.23 -15.07
CA ILE A 138 14.84 7.46 -16.28
C ILE A 138 14.27 8.87 -16.28
N LYS A 139 13.75 9.28 -17.45
CA LYS A 139 12.94 10.49 -17.54
C LYS A 139 11.61 10.13 -18.17
N LEU A 140 10.56 10.78 -17.66
CA LEU A 140 9.18 10.63 -18.11
C LEU A 140 8.73 11.92 -18.79
N ASN A 141 7.78 11.82 -19.73
CA ASN A 141 7.24 13.00 -20.40
CA ASN A 141 7.24 13.02 -20.40
C ASN A 141 5.91 13.44 -19.80
N VAL A 142 5.62 12.90 -18.63
CA VAL A 142 4.37 13.15 -17.97
C VAL A 142 4.74 13.52 -16.53
N SER A 143 3.89 14.32 -15.86
CA SER A 143 4.23 14.89 -14.56
C SER A 143 3.03 15.05 -13.63
N GLY A 144 3.34 15.15 -12.34
CA GLY A 144 2.33 15.38 -11.31
C GLY A 144 1.36 14.23 -11.15
N ASP A 145 0.08 14.57 -11.19
CA ASP A 145 -0.97 13.59 -10.98
C ASP A 145 -1.14 12.66 -12.18
N GLU A 146 -0.49 12.99 -13.28
CA GLU A 146 -0.71 12.22 -14.50
C GLU A 146 -0.04 10.83 -14.44
N LEU A 147 -0.83 9.80 -14.73
CA LEU A 147 -0.36 8.42 -14.73
C LEU A 147 0.77 8.15 -15.74
N ALA A 148 1.71 7.29 -15.35
CA ALA A 148 2.81 6.85 -16.21
C ALA A 148 2.88 5.32 -16.44
N THR A 149 3.24 4.93 -17.65
CA THR A 149 3.53 3.53 -17.95
C THR A 149 4.89 3.54 -18.62
N VAL A 150 5.42 2.37 -18.96
CA VAL A 150 6.72 2.33 -19.70
C VAL A 150 6.67 3.16 -20.97
N LYS A 151 5.47 3.28 -21.55
CA LYS A 151 5.30 4.06 -22.76
C LYS A 151 5.71 5.51 -22.55
N ASN A 152 5.70 5.99 -21.31
CA ASN A 152 6.07 7.37 -21.03
C ASN A 152 7.55 7.57 -20.76
N ILE A 153 8.32 6.50 -20.84
CA ILE A 153 9.78 6.65 -20.65
C ILE A 153 10.37 7.32 -21.88
N LYS A 154 10.88 8.54 -21.70
CA LYS A 154 11.49 9.29 -22.80
C LYS A 154 13.02 9.37 -22.66
N SER A 155 13.56 8.77 -21.60
CA SER A 155 14.99 8.66 -21.46
C SER A 155 15.29 7.46 -20.60
N ASN A 156 16.14 6.58 -21.12
CA ASN A 156 16.52 5.36 -20.45
C ASN A 156 17.98 5.06 -20.85
N PRO A 157 18.91 5.94 -20.40
CA PRO A 157 20.34 5.88 -20.74
C PRO A 157 21.04 4.56 -20.40
N LYS A 158 20.58 3.83 -19.38
CA LYS A 158 21.19 2.55 -19.01
C LYS A 158 20.48 1.37 -19.68
N ASN A 159 19.58 1.66 -20.63
CA ASN A 159 18.83 0.63 -21.34
C ASN A 159 18.27 -0.42 -20.40
N LEU A 160 17.51 -0.01 -19.39
CA LEU A 160 17.00 -0.96 -18.41
C LEU A 160 15.73 -1.60 -18.94
N ASP A 161 15.60 -2.89 -18.70
CA ASP A 161 14.36 -3.59 -19.00
C ASP A 161 13.51 -3.49 -17.73
N ILE A 162 12.32 -2.92 -17.85
CA ILE A 162 11.37 -2.78 -16.73
C ILE A 162 10.44 -3.98 -16.75
N LYS A 163 10.55 -4.82 -15.72
CA LYS A 163 9.77 -6.04 -15.65
C LYS A 163 8.55 -5.76 -14.76
N GLU A 164 7.37 -5.74 -15.37
CA GLU A 164 6.14 -5.45 -14.60
C GLU A 164 5.60 -6.76 -14.06
N VAL A 165 5.56 -6.87 -12.75
CA VAL A 165 5.10 -8.10 -12.10
C VAL A 165 4.02 -7.74 -11.09
N ASP A 166 3.42 -8.75 -10.47
CA ASP A 166 2.43 -8.43 -9.45
C ASP A 166 3.13 -7.72 -8.28
N ALA A 167 2.42 -6.79 -7.63
CA ALA A 167 2.95 -6.08 -6.47
C ALA A 167 3.46 -7.09 -5.41
N SER A 168 2.79 -8.24 -5.35
CA SER A 168 3.17 -9.29 -4.41
C SER A 168 4.42 -10.05 -4.81
N GLN A 169 4.88 -9.85 -6.04
CA GLN A 169 6.00 -10.62 -6.54
C GLN A 169 7.30 -9.81 -6.65
N THR A 170 7.24 -8.51 -6.44
CA THR A 170 8.43 -7.68 -6.62
C THR A 170 9.55 -8.10 -5.67
N ALA A 171 9.18 -8.34 -4.40
CA ALA A 171 10.16 -8.79 -3.42
C ALA A 171 10.86 -10.08 -3.84
N ARG A 172 10.08 -11.03 -4.34
CA ARG A 172 10.61 -12.35 -4.68
C ARG A 172 11.62 -12.22 -5.83
N ASN A 173 11.40 -11.22 -6.68
CA ASN A 173 12.26 -10.98 -7.83
C ASN A 173 13.65 -10.48 -7.48
N LEU A 174 13.82 -9.90 -6.29
CA LEU A 174 15.07 -9.20 -5.96
C LEU A 174 16.32 -10.07 -6.14
N ALA A 175 16.15 -11.37 -5.98
CA ALA A 175 17.25 -12.31 -6.13
C ALA A 175 17.54 -12.61 -7.60
N SER A 176 16.71 -12.10 -8.50
CA SER A 176 16.82 -12.38 -9.94
CA SER A 176 16.81 -12.37 -9.94
C SER A 176 16.99 -11.12 -10.81
N VAL A 177 16.74 -9.95 -10.24
CA VAL A 177 16.80 -8.69 -10.97
C VAL A 177 17.83 -7.72 -10.32
N ASP A 178 18.05 -6.56 -10.91
CA ASP A 178 19.05 -5.65 -10.35
C ASP A 178 18.49 -4.75 -9.24
N ALA A 179 17.18 -4.53 -9.29
CA ALA A 179 16.48 -3.73 -8.29
C ALA A 179 14.99 -3.92 -8.46
N ALA A 180 14.24 -3.58 -7.44
CA ALA A 180 12.80 -3.65 -7.52
C ALA A 180 12.14 -2.61 -6.62
N VAL A 181 10.99 -2.11 -7.07
CA VAL A 181 10.16 -1.27 -6.20
C VAL A 181 9.14 -2.14 -5.48
N VAL A 182 9.10 -2.04 -4.16
CA VAL A 182 8.33 -2.97 -3.34
C VAL A 182 7.51 -2.20 -2.29
N ASN A 183 6.18 -2.28 -2.41
CA ASN A 183 5.28 -1.73 -1.40
C ASN A 183 5.66 -2.29 -0.05
N ASN A 184 5.61 -1.45 0.98
CA ASN A 184 5.98 -1.89 2.33
C ASN A 184 5.15 -3.02 2.89
N SER A 185 3.87 -3.10 2.48
CA SER A 185 3.04 -4.19 2.94
C SER A 185 3.64 -5.55 2.58
N TYR A 186 4.37 -5.57 1.47
CA TYR A 186 5.09 -6.77 1.03
C TYR A 186 6.56 -6.79 1.53
N ALA A 187 7.21 -5.63 1.51
CA ALA A 187 8.62 -5.56 1.93
C ALA A 187 8.88 -6.03 3.38
N VAL A 188 8.00 -5.65 4.30
CA VAL A 188 8.17 -6.00 5.72
C VAL A 188 8.06 -7.52 5.99
N PRO A 189 6.97 -8.17 5.53
CA PRO A 189 6.91 -9.62 5.72
C PRO A 189 7.96 -10.41 4.94
N ALA A 190 8.43 -9.90 3.81
CA ALA A 190 9.49 -10.55 3.03
C ALA A 190 10.84 -10.43 3.75
N LYS A 191 10.88 -9.61 4.79
CA LYS A 191 12.08 -9.39 5.58
C LYS A 191 13.23 -8.88 4.72
N ILE A 192 12.88 -8.00 3.79
CA ILE A 192 13.89 -7.21 3.10
C ILE A 192 14.66 -6.33 4.09
N ASP A 193 15.97 -6.31 3.94
CA ASP A 193 16.80 -5.40 4.72
C ASP A 193 16.64 -4.00 4.14
N PHE A 194 16.08 -3.07 4.91
CA PHE A 194 15.90 -1.71 4.40
C PHE A 194 17.17 -0.90 4.18
N LYS A 195 18.32 -1.35 4.68
CA LYS A 195 19.61 -0.80 4.20
C LYS A 195 19.82 -0.97 2.68
N THR A 196 19.10 -1.90 2.06
CA THR A 196 19.26 -2.09 0.60
C THR A 196 18.45 -1.06 -0.20
N SER A 197 17.71 -0.18 0.48
CA SER A 197 17.03 0.89 -0.25
C SER A 197 18.02 1.79 -0.97
N LEU A 198 17.76 2.02 -2.26
CA LEU A 198 18.56 2.91 -3.09
C LEU A 198 17.88 4.26 -3.24
N TYR A 199 16.61 4.30 -2.89
CA TYR A 199 15.84 5.52 -2.98
C TYR A 199 14.51 5.31 -2.25
N LYS A 200 14.16 6.30 -1.43
CA LYS A 200 12.90 6.32 -0.68
C LYS A 200 12.06 7.45 -1.21
N GLU A 201 10.84 7.12 -1.60
CA GLU A 201 9.88 8.09 -2.08
C GLU A 201 9.73 9.27 -1.12
N LYS A 202 9.67 10.46 -1.66
CA LYS A 202 9.56 11.69 -0.88
C LYS A 202 8.08 12.03 -0.60
N VAL A 203 7.82 12.66 0.53
CA VAL A 203 6.46 13.06 0.89
C VAL A 203 6.30 14.56 0.83
N ASN A 204 5.44 15.01 -0.07
CA ASN A 204 5.09 16.42 -0.18
C ASN A 204 3.57 16.56 -0.34
N GLU A 205 3.10 17.77 -0.65
CA GLU A 205 1.66 18.02 -0.81
C GLU A 205 1.09 17.18 -1.95
N GLY A 206 1.98 16.72 -2.84
CA GLY A 206 1.60 15.93 -3.99
C GLY A 206 1.45 14.45 -3.69
N SER A 207 1.68 14.07 -2.43
CA SER A 207 1.61 12.67 -2.01
C SER A 207 0.25 12.26 -1.43
N LYS A 208 -0.78 13.11 -1.53
CA LYS A 208 -2.10 12.80 -0.97
C LYS A 208 -2.72 11.58 -1.67
N GLN A 209 -2.36 11.39 -2.92
CA GLN A 209 -2.84 10.25 -3.68
C GLN A 209 -2.35 8.90 -3.12
N TRP A 210 -1.21 8.88 -2.41
CA TRP A 210 -0.66 7.66 -1.83
C TRP A 210 -1.08 7.48 -0.37
N ILE A 211 -1.93 8.37 0.15
CA ILE A 211 -2.45 8.20 1.51
C ILE A 211 -3.35 6.96 1.54
N ASN A 212 -3.12 6.07 2.49
CA ASN A 212 -3.97 4.92 2.62
C ASN A 212 -5.29 5.30 3.30
N ILE A 213 -6.29 4.47 3.05
CA ILE A 213 -7.67 4.76 3.45
C ILE A 213 -8.38 3.54 3.98
N ILE A 214 -9.50 3.77 4.67
CA ILE A 214 -10.45 2.73 4.97
C ILE A 214 -11.56 2.89 3.95
N ALA A 215 -11.96 1.79 3.33
CA ALA A 215 -13.01 1.84 2.30
C ALA A 215 -14.23 1.05 2.72
N ALA A 216 -15.40 1.42 2.17
CA ALA A 216 -16.64 0.74 2.50
C ALA A 216 -17.53 0.79 1.27
N GLN A 217 -18.66 0.09 1.34
CA GLN A 217 -19.69 0.16 0.30
C GLN A 217 -20.28 1.58 0.24
N LYS A 218 -20.72 1.98 -0.96
CA LYS A 218 -21.33 3.30 -1.13
C LYS A 218 -22.45 3.58 -0.13
N ASN A 219 -23.18 2.53 0.25
CA ASN A 219 -24.40 2.67 1.08
C ASN A 219 -24.16 2.31 2.55
N TRP A 220 -22.91 2.31 2.97
CA TRP A 220 -22.57 1.86 4.29
C TRP A 220 -23.31 2.61 5.39
N LYS A 221 -23.56 3.90 5.17
CA LYS A 221 -24.25 4.70 6.18
C LYS A 221 -25.70 4.25 6.36
N LYS A 222 -26.21 3.46 5.41
CA LYS A 222 -27.60 2.92 5.51
C LYS A 222 -27.59 1.43 5.83
N SER A 223 -26.41 0.92 6.18
CA SER A 223 -26.24 -0.49 6.46
C SER A 223 -26.26 -0.73 7.96
N LYS A 224 -26.31 -2.00 8.35
CA LYS A 224 -26.28 -2.37 9.76
C LYS A 224 -24.96 -1.97 10.43
N LYS A 225 -23.92 -1.74 9.63
CA LYS A 225 -22.58 -1.51 10.16
C LYS A 225 -22.23 -0.03 10.34
N ALA A 226 -23.17 0.87 10.04
CA ALA A 226 -22.89 2.32 10.05
C ALA A 226 -22.35 2.81 11.39
N ALA A 227 -23.00 2.43 12.49
CA ALA A 227 -22.55 2.91 13.80
C ALA A 227 -21.16 2.36 14.14
N ALA A 228 -20.96 1.07 13.90
CA ALA A 228 -19.69 0.42 14.19
C ALA A 228 -18.55 1.00 13.36
N ILE A 229 -18.82 1.30 12.09
CA ILE A 229 -17.79 1.90 11.25
C ILE A 229 -17.36 3.27 11.76
N LYS A 230 -18.33 4.08 12.15
CA LYS A 230 -18.06 5.38 12.73
C LYS A 230 -17.23 5.25 14.01
N LYS A 231 -17.53 4.24 14.82
CA LYS A 231 -16.79 4.08 16.06
C LYS A 231 -15.37 3.62 15.75
N LEU A 232 -15.23 2.78 14.73
CA LEU A 232 -13.91 2.30 14.35
C LEU A 232 -13.03 3.44 13.93
N ILE A 233 -13.57 4.37 13.15
CA ILE A 233 -12.81 5.52 12.70
CA ILE A 233 -12.79 5.51 12.71
C ILE A 233 -12.35 6.36 13.91
N LYS A 234 -13.25 6.57 14.88
CA LYS A 234 -12.87 7.32 16.07
C LYS A 234 -11.74 6.64 16.83
N ALA A 235 -11.79 5.32 16.90
CA ALA A 235 -10.76 4.54 17.55
C ALA A 235 -9.44 4.61 16.78
N TYR A 236 -9.51 4.60 15.44
CA TYR A 236 -8.28 4.65 14.63
C TYR A 236 -7.57 5.98 14.81
N HIS A 237 -8.35 7.07 14.85
CA HIS A 237 -7.80 8.43 14.89
C HIS A 237 -7.61 8.88 16.34
N THR A 238 -6.88 8.08 17.11
CA THR A 238 -6.50 8.43 18.48
C THR A 238 -4.99 8.56 18.60
N ASP A 239 -4.55 9.14 19.72
CA ASP A 239 -3.13 9.27 20.00
C ASP A 239 -2.55 7.92 20.32
N ALA A 240 -3.35 7.10 20.98
CA ALA A 240 -2.92 5.75 21.32
C ALA A 240 -2.52 4.98 20.06
N VAL A 241 -3.35 5.07 19.03
CA VAL A 241 -3.07 4.32 17.80
C VAL A 241 -1.95 4.98 17.03
N LYS A 242 -1.95 6.30 16.95
CA LYS A 242 -0.87 7.01 16.29
C LYS A 242 0.49 6.62 16.89
N LYS A 243 0.57 6.53 18.23
CA LYS A 243 1.83 6.19 18.90
C LYS A 243 2.29 4.78 18.51
N VAL A 244 1.33 3.86 18.51
CA VAL A 244 1.61 2.45 18.16
C VAL A 244 2.18 2.36 16.74
N ILE A 245 1.55 3.02 15.77
CA ILE A 245 2.04 2.95 14.40
C ILE A 245 3.44 3.58 14.29
N LYS A 246 3.61 4.78 14.84
CA LYS A 246 4.93 5.42 14.78
C LYS A 246 6.04 4.59 15.42
N LYS A 247 5.78 4.01 16.59
CA LYS A 247 6.78 3.21 17.29
C LYS A 247 7.15 2.00 16.49
N THR A 248 6.14 1.28 15.99
CA THR A 248 6.37 -0.03 15.40
C THR A 248 6.63 0.02 13.86
N ALA A 249 6.40 1.16 13.23
CA ALA A 249 6.58 1.28 11.78
C ALA A 249 7.26 2.63 11.41
N LYS A 250 8.07 3.17 12.33
CA LYS A 250 8.81 4.40 12.10
C LYS A 250 9.53 4.37 10.74
N GLY A 251 9.28 5.38 9.92
CA GLY A 251 9.87 5.45 8.60
C GLY A 251 9.24 4.54 7.54
N VAL A 252 8.29 3.69 7.96
CA VAL A 252 7.56 2.80 7.03
C VAL A 252 6.14 3.32 6.82
N ASP A 253 5.36 3.47 7.91
CA ASP A 253 4.03 4.04 7.87
C ASP A 253 3.95 5.29 8.76
N GLU A 254 3.39 6.34 8.20
CA GLU A 254 3.24 7.60 8.88
C GLU A 254 1.77 8.03 8.95
N PRO A 255 1.21 8.09 10.18
CA PRO A 255 -0.21 8.48 10.34
C PRO A 255 -0.44 9.87 9.84
N VAL A 256 -1.58 10.14 9.22
CA VAL A 256 -1.80 11.43 8.59
C VAL A 256 -2.88 12.22 9.34
N TRP A 257 -3.30 11.74 10.50
CA TRP A 257 -4.28 12.50 11.28
C TRP A 257 -3.63 13.19 12.45
N MSE B . -0.13 0.03 1.66
CA MSE B . 0.22 0.19 0.24
C MSE B . 1.07 1.43 0.00
O MSE B . 0.81 2.51 0.62
OXT MSE B . 2.03 1.33 -0.81
CB MSE B . -1.07 0.29 -0.62
CG MSE B . -0.81 0.25 -2.11
SE MSE B . -2.52 0.25 -3.08
CE MSE B . -3.10 -1.55 -2.62
O1 2PE C . 17.90 -2.20 9.22
C2 2PE C . 17.49 -1.33 8.17
C3 2PE C . 17.63 0.12 8.62
O4 2PE C . 18.98 0.55 8.66
C5 2PE C . 19.06 1.91 9.09
C6 2PE C . 19.47 1.87 10.55
O7 2PE C . 20.57 0.98 10.71
C8 2PE C . 20.62 0.42 12.01
C9 2PE C . 21.96 -0.25 12.26
O10 2PE C . 21.84 -1.66 12.10
C11 2PE C . 23.09 -2.29 11.88
C12 2PE C . 22.86 -3.78 11.67
O13 2PE C . 22.27 -3.97 10.39
C14 2PE C . 22.56 -5.26 9.85
C15 2PE C . 21.69 -5.49 8.62
O16 2PE C . 21.28 -4.23 8.06
O1 2PE D . -28.38 0.30 -5.16
C2 2PE D . -27.05 0.86 -5.24
C3 2PE D . -26.56 1.35 -3.87
O4 2PE D . -25.13 1.44 -3.80
C5 2PE D . -24.58 0.13 -3.83
C6 2PE D . -23.70 -0.25 -2.63
O7 2PE D . -23.83 -1.67 -2.43
C8 2PE D . -23.31 -2.41 -3.55
C9 2PE D . -23.51 -3.93 -3.47
O10 2PE D . -24.27 -4.38 -4.61
C11 2PE D . -23.51 -4.79 -5.76
C12 2PE D . -24.01 -4.00 -6.97
O13 2PE D . -23.00 -3.86 -7.98
C14 2PE D . -23.00 -2.55 -8.58
O1 2PE E . 14.86 -12.24 2.50
C2 2PE E . 14.63 -11.06 1.73
C3 2PE E . 14.11 -11.39 0.34
O4 2PE E . 12.78 -11.93 0.41
C5 2PE E . 12.06 -11.71 -0.81
C6 2PE E . 11.05 -12.84 -1.04
O7 2PE E . 10.53 -13.25 0.24
C8 2PE E . 9.32 -13.97 0.12
C9 2PE E . 8.79 -14.31 1.51
O10 2PE E . 9.88 -14.68 2.35
#